data_6XG5
#
_entry.id   6XG5
#
_cell.length_a   61.809
_cell.length_b   61.809
_cell.length_c   104.630
_cell.angle_alpha   90.000
_cell.angle_beta   90.000
_cell.angle_gamma   120.000
#
_symmetry.space_group_name_H-M   'P 32 2 1'
#
loop_
_entity.id
_entity.type
_entity.pdbx_description
1 polymer 'Dihydrofolate reductase'
2 non-polymer 'NADPH DIHYDRO-NICOTINAMIDE-ADENINE-DINUCLEOTIDE PHOSPHATE'
3 non-polymer GLYCEROL
4 non-polymer TRIMETHOPRIM
5 non-polymer 'CHLORIDE ION'
6 water water
#
_entity_poly.entity_id   1
_entity_poly.type   'polypeptide(L)'
_entity_poly.pdbx_seq_one_letter_code
;MISLIAALAVDRVIGMENAMPWNLPADLAWFKRNTLNKPVIMGRHTWESIGRPLPGRKNIILSSQPGTDDRVTWVKSVDE
AIAACGDVPEIMVIGGGRVYEQFLPKAQKLYLTHIDAEVEGDTHFPDYEPDDWESVFSEFHDADAQNSHSYCFEILERRH
HHHHH
;
_entity_poly.pdbx_strand_id   A
#
loop_
_chem_comp.id
_chem_comp.type
_chem_comp.name
_chem_comp.formula
CL non-polymer 'CHLORIDE ION' 'Cl -1'
GOL non-polymer GLYCEROL 'C3 H8 O3'
NDP non-polymer 'NADPH DIHYDRO-NICOTINAMIDE-ADENINE-DINUCLEOTIDE PHOSPHATE' 'C21 H30 N7 O17 P3'
TOP non-polymer TRIMETHOPRIM 'C14 H18 N4 O3'
#
# COMPACT_ATOMS: atom_id res chain seq x y z
N MET A 1 6.48 15.02 -0.15
CA MET A 1 6.27 14.08 -1.30
C MET A 1 5.50 12.85 -0.80
N ILE A 2 4.32 12.61 -1.38
CA ILE A 2 3.45 11.45 -1.03
C ILE A 2 3.64 10.38 -2.12
N SER A 3 3.87 9.14 -1.69
CA SER A 3 4.02 7.92 -2.52
C SER A 3 2.93 6.91 -2.13
N LEU A 4 2.36 6.20 -3.11
CA LEU A 4 1.50 5.02 -2.89
C LEU A 4 2.32 3.77 -3.20
N ILE A 5 2.21 2.75 -2.37
CA ILE A 5 2.78 1.41 -2.67
C ILE A 5 1.63 0.42 -2.56
N ALA A 6 1.45 -0.37 -3.60
CA ALA A 6 0.37 -1.36 -3.67
C ALA A 6 0.81 -2.51 -4.59
N ALA A 7 0.18 -3.66 -4.38
CA ALA A 7 0.31 -4.88 -5.19
C ALA A 7 -1.00 -5.09 -5.92
N LEU A 8 -0.97 -5.10 -7.25
CA LEU A 8 -2.13 -5.24 -8.15
C LEU A 8 -2.09 -6.60 -8.87
N ALA A 9 -3.11 -7.43 -8.69
CA ALA A 9 -3.40 -8.60 -9.55
C ALA A 9 -4.06 -8.17 -10.87
N VAL A 10 -4.39 -9.15 -11.71
CA VAL A 10 -5.19 -8.97 -12.96
C VAL A 10 -6.48 -8.24 -12.58
N ASP A 11 -6.82 -7.21 -13.37
CA ASP A 11 -8.08 -6.46 -13.22
C ASP A 11 -7.96 -5.54 -12.00
N ARG A 12 -6.72 -5.16 -11.65
CA ARG A 12 -6.40 -4.17 -10.59
C ARG A 12 -6.95 -4.63 -9.24
N VAL A 13 -7.19 -5.94 -9.05
CA VAL A 13 -7.63 -6.50 -7.75
C VAL A 13 -6.52 -6.24 -6.72
N ILE A 14 -6.85 -5.62 -5.59
CA ILE A 14 -5.88 -5.45 -4.46
C ILE A 14 -6.34 -6.21 -3.22
N GLY A 15 -7.59 -6.64 -3.13
CA GLY A 15 -8.12 -7.24 -1.90
C GLY A 15 -9.39 -8.06 -2.08
N MET A 16 -9.61 -8.97 -1.13
CA MET A 16 -10.80 -9.86 -1.05
C MET A 16 -10.97 -10.25 0.42
N GLU A 17 -12.14 -9.98 1.01
CA GLU A 17 -12.47 -10.33 2.42
C GLU A 17 -11.33 -9.89 3.33
N ASN A 18 -10.95 -8.62 3.23
CA ASN A 18 -9.96 -7.93 4.10
C ASN A 18 -8.64 -8.69 4.16
N ALA A 19 -8.24 -9.30 3.03
CA ALA A 19 -6.89 -9.86 2.83
C ALA A 19 -6.52 -9.70 1.35
N MET A 20 -5.25 -9.92 1.04
N MET A 20 -5.25 -9.92 1.04
CA MET A 20 -4.75 -9.97 -0.36
CA MET A 20 -4.75 -9.98 -0.35
C MET A 20 -4.93 -11.39 -0.87
C MET A 20 -4.96 -11.40 -0.86
N PRO A 21 -5.65 -11.60 -2.01
CA PRO A 21 -5.97 -12.94 -2.49
C PRO A 21 -4.79 -13.65 -3.19
N TRP A 22 -3.67 -13.78 -2.48
CA TRP A 22 -2.41 -14.41 -2.93
C TRP A 22 -1.45 -14.49 -1.74
N ASN A 23 -0.27 -15.06 -1.94
CA ASN A 23 0.75 -15.21 -0.86
C ASN A 23 2.12 -15.05 -1.50
N LEU A 24 2.67 -13.84 -1.42
CA LEU A 24 3.88 -13.44 -2.17
C LEU A 24 4.85 -12.81 -1.17
N PRO A 25 5.58 -13.65 -0.43
CA PRO A 25 6.60 -13.19 0.51
C PRO A 25 7.57 -12.22 -0.18
N ALA A 26 7.84 -12.41 -1.47
CA ALA A 26 8.72 -11.51 -2.24
C ALA A 26 8.10 -10.11 -2.34
N ASP A 27 6.76 -10.03 -2.41
CA ASP A 27 6.08 -8.70 -2.43
C ASP A 27 6.25 -8.07 -1.04
N LEU A 28 5.93 -8.78 0.02
CA LEU A 28 6.10 -8.23 1.40
C LEU A 28 7.55 -7.78 1.64
N ALA A 29 8.53 -8.43 1.03
CA ALA A 29 9.96 -8.04 1.14
C ALA A 29 10.20 -6.71 0.41
N TRP A 30 9.61 -6.58 -0.77
CA TRP A 30 9.72 -5.34 -1.59
C TRP A 30 9.08 -4.18 -0.83
N PHE A 31 7.90 -4.45 -0.28
CA PHE A 31 7.12 -3.47 0.53
C PHE A 31 8.01 -2.95 1.69
N LYS A 32 8.64 -3.88 2.41
CA LYS A 32 9.46 -3.60 3.62
C LYS A 32 10.68 -2.77 3.20
N ARG A 33 11.39 -3.19 2.14
CA ARG A 33 12.54 -2.45 1.58
C ARG A 33 12.16 -0.99 1.31
N ASN A 34 10.99 -0.74 0.74
CA ASN A 34 10.62 0.59 0.20
C ASN A 34 9.89 1.43 1.26
N THR A 35 9.51 0.85 2.41
CA THR A 35 8.78 1.58 3.48
C THR A 35 9.65 1.79 4.71
N LEU A 36 10.72 1.03 4.88
CA LEU A 36 11.49 1.04 6.15
C LEU A 36 12.00 2.45 6.42
N ASN A 37 11.86 2.90 7.68
CA ASN A 37 12.34 4.21 8.19
C ASN A 37 11.67 5.36 7.41
N LYS A 38 10.42 5.16 7.00
CA LYS A 38 9.52 6.24 6.48
C LYS A 38 8.17 6.12 7.18
N PRO A 39 7.40 7.22 7.33
CA PRO A 39 6.06 7.12 7.89
C PRO A 39 5.13 6.34 6.93
N VAL A 40 4.26 5.50 7.48
CA VAL A 40 3.20 4.81 6.67
C VAL A 40 1.83 5.26 7.13
N ILE A 41 0.99 5.63 6.15
CA ILE A 41 -0.45 6.00 6.33
C ILE A 41 -1.31 4.83 5.83
N MET A 42 -2.09 4.22 6.71
CA MET A 42 -2.99 3.12 6.32
C MET A 42 -4.40 3.36 6.86
N GLY A 43 -5.41 2.80 6.21
CA GLY A 43 -6.81 2.81 6.68
C GLY A 43 -7.06 1.72 7.71
N ARG A 44 -8.14 1.86 8.48
CA ARG A 44 -8.41 0.99 9.65
C ARG A 44 -8.59 -0.47 9.22
N HIS A 45 -9.19 -0.71 8.04
N HIS A 45 -9.17 -0.71 8.04
CA HIS A 45 -9.39 -2.08 7.50
CA HIS A 45 -9.39 -2.08 7.51
C HIS A 45 -8.02 -2.75 7.31
C HIS A 45 -8.03 -2.76 7.29
N THR A 46 -7.06 -2.04 6.71
CA THR A 46 -5.67 -2.50 6.43
C THR A 46 -4.92 -2.78 7.75
N TRP A 47 -4.96 -1.83 8.68
CA TRP A 47 -4.43 -1.99 10.07
C TRP A 47 -4.88 -3.32 10.68
N GLU A 48 -6.17 -3.64 10.59
CA GLU A 48 -6.76 -4.87 11.17
C GLU A 48 -6.35 -6.09 10.33
N SER A 49 -6.14 -5.94 9.03
CA SER A 49 -5.67 -7.06 8.19
C SER A 49 -4.25 -7.40 8.63
N ILE A 50 -3.37 -6.41 8.75
CA ILE A 50 -1.96 -6.62 9.16
C ILE A 50 -1.92 -7.17 10.59
N GLY A 51 -2.66 -6.56 11.52
N GLY A 51 -2.65 -6.54 11.53
CA GLY A 51 -2.96 -7.13 12.85
CA GLY A 51 -2.82 -7.04 12.90
C GLY A 51 -1.92 -6.78 13.91
C GLY A 51 -1.61 -6.79 13.78
N ARG A 52 -0.85 -6.08 13.53
N ARG A 52 -0.64 -6.00 13.28
CA ARG A 52 0.22 -5.64 14.45
CA ARG A 52 0.67 -5.74 13.93
C ARG A 52 1.02 -4.52 13.79
C ARG A 52 1.15 -4.34 13.57
N PRO A 53 1.73 -3.68 14.56
N PRO A 53 1.86 -3.66 14.49
CA PRO A 53 2.54 -2.61 13.98
CA PRO A 53 2.65 -2.50 14.09
C PRO A 53 3.59 -3.10 12.97
C PRO A 53 3.82 -2.92 13.19
N LEU A 54 4.03 -2.20 12.08
CA LEU A 54 5.11 -2.41 11.10
C LEU A 54 6.40 -1.81 11.64
N PRO A 55 7.37 -2.64 12.11
CA PRO A 55 8.55 -2.14 12.80
C PRO A 55 9.40 -1.30 11.83
N GLY A 56 9.96 -0.20 12.30
CA GLY A 56 10.91 0.61 11.53
C GLY A 56 10.22 1.77 10.84
N ARG A 57 8.91 1.93 11.07
CA ARG A 57 8.08 2.99 10.45
C ARG A 57 7.14 3.57 11.53
N LYS A 58 6.94 4.87 11.50
CA LYS A 58 5.83 5.50 12.26
C LYS A 58 4.53 5.04 11.59
N ASN A 59 3.72 4.27 12.33
CA ASN A 59 2.42 3.71 11.89
C ASN A 59 1.31 4.73 12.14
N ILE A 60 0.73 5.30 11.07
CA ILE A 60 -0.38 6.31 11.13
C ILE A 60 -1.65 5.66 10.57
N ILE A 61 -2.66 5.49 11.42
CA ILE A 61 -3.93 4.78 11.07
C ILE A 61 -5.05 5.82 10.89
N LEU A 62 -5.75 5.80 9.75
CA LEU A 62 -6.97 6.65 9.51
C LEU A 62 -8.18 5.92 10.07
N SER A 63 -8.91 6.57 10.98
CA SER A 63 -10.19 6.07 11.55
C SER A 63 -10.99 7.26 12.10
N SER A 64 -12.29 7.29 11.80
CA SER A 64 -13.26 8.25 12.36
C SER A 64 -13.53 7.91 13.83
N GLN A 65 -13.28 6.66 14.23
CA GLN A 65 -13.50 6.14 15.63
C GLN A 65 -12.21 6.32 16.44
N PRO A 66 -12.30 6.36 17.80
CA PRO A 66 -11.10 6.53 18.62
C PRO A 66 -10.19 5.30 18.48
N GLY A 67 -8.88 5.50 18.69
CA GLY A 67 -7.85 4.45 18.57
C GLY A 67 -8.08 3.29 19.53
N THR A 68 -7.51 2.12 19.23
N THR A 68 -7.48 2.14 19.22
CA THR A 68 -7.60 0.89 20.05
CA THR A 68 -7.61 0.83 19.92
C THR A 68 -6.23 0.21 20.16
C THR A 68 -6.23 0.21 20.19
N ASP A 69 -5.14 0.95 19.94
CA ASP A 69 -3.75 0.45 20.06
C ASP A 69 -2.78 1.59 20.38
N ASP A 70 -2.22 1.60 21.59
CA ASP A 70 -1.39 2.72 22.14
C ASP A 70 -0.03 2.81 21.43
N ARG A 71 0.35 1.79 20.64
CA ARG A 71 1.66 1.72 19.95
C ARG A 71 1.65 2.52 18.63
N VAL A 72 0.47 2.77 18.03
CA VAL A 72 0.38 3.51 16.73
C VAL A 72 -0.34 4.84 16.94
N THR A 73 -0.19 5.73 15.96
CA THR A 73 -0.77 7.09 15.88
C THR A 73 -2.10 7.03 15.13
N TRP A 74 -3.19 7.47 15.76
CA TRP A 74 -4.54 7.49 15.14
C TRP A 74 -4.86 8.91 14.70
N VAL A 75 -5.44 9.04 13.51
CA VAL A 75 -5.85 10.34 12.90
C VAL A 75 -7.27 10.20 12.32
N LYS A 76 -8.00 11.31 12.20
CA LYS A 76 -9.46 11.35 11.85
C LYS A 76 -9.65 11.98 10.47
N SER A 77 -8.57 12.31 9.76
CA SER A 77 -8.62 13.00 8.44
C SER A 77 -7.29 12.88 7.71
N VAL A 78 -7.36 12.97 6.38
CA VAL A 78 -6.19 13.00 5.45
C VAL A 78 -5.20 14.08 5.93
N ASP A 79 -5.68 15.31 6.14
CA ASP A 79 -4.84 16.48 6.52
C ASP A 79 -4.07 16.16 7.81
N GLU A 80 -4.73 15.51 8.77
CA GLU A 80 -4.17 15.11 10.09
C GLU A 80 -3.13 14.00 9.90
N ALA A 81 -3.50 12.97 9.15
CA ALA A 81 -2.57 11.90 8.71
C ALA A 81 -1.30 12.54 8.16
N ILE A 82 -1.43 13.52 7.26
CA ILE A 82 -0.27 14.11 6.51
C ILE A 82 0.58 14.95 7.46
N ALA A 83 -0.04 15.64 8.41
CA ALA A 83 0.67 16.50 9.39
C ALA A 83 1.40 15.57 10.38
N ALA A 84 0.74 14.46 10.75
CA ALA A 84 1.28 13.40 11.66
C ALA A 84 2.55 12.74 11.11
N CYS A 85 2.84 12.87 9.80
CA CYS A 85 4.09 12.36 9.14
C CYS A 85 5.27 13.30 9.42
N GLY A 86 4.99 14.58 9.68
CA GLY A 86 6.01 15.60 9.95
C GLY A 86 6.77 15.98 8.69
N ASP A 87 7.96 16.54 8.87
CA ASP A 87 8.83 17.11 7.82
C ASP A 87 9.79 16.01 7.33
N VAL A 88 9.31 15.16 6.43
CA VAL A 88 10.01 13.94 5.94
C VAL A 88 10.21 14.04 4.43
N PRO A 89 11.21 13.35 3.85
CA PRO A 89 11.40 13.31 2.40
C PRO A 89 10.28 12.58 1.65
N GLU A 90 9.74 11.51 2.24
CA GLU A 90 8.76 10.63 1.55
C GLU A 90 7.72 10.11 2.56
N ILE A 91 6.44 10.34 2.26
CA ILE A 91 5.27 9.72 2.94
C ILE A 91 4.86 8.49 2.11
N MET A 92 4.77 7.33 2.76
CA MET A 92 4.34 6.08 2.10
C MET A 92 2.88 5.79 2.50
N VAL A 93 2.00 5.78 1.50
CA VAL A 93 0.58 5.39 1.67
C VAL A 93 0.44 3.92 1.25
N ILE A 94 0.00 3.07 2.17
CA ILE A 94 0.21 1.59 2.09
C ILE A 94 -1.14 0.87 2.01
N GLY A 95 -2.24 1.62 1.83
CA GLY A 95 -3.57 1.05 1.57
C GLY A 95 -4.58 1.41 2.65
N GLY A 96 -5.82 0.92 2.50
CA GLY A 96 -6.27 0.13 1.37
C GLY A 96 -7.03 0.94 0.34
N GLY A 97 -8.10 0.37 -0.23
CA GLY A 97 -8.78 0.91 -1.43
C GLY A 97 -9.22 2.35 -1.22
N ARG A 98 -10.00 2.58 -0.18
CA ARG A 98 -10.55 3.93 0.16
C ARG A 98 -9.39 4.90 0.39
N VAL A 99 -8.27 4.46 1.00
CA VAL A 99 -7.15 5.38 1.36
C VAL A 99 -6.39 5.74 0.09
N TYR A 100 -6.07 4.75 -0.75
CA TYR A 100 -5.49 4.94 -2.10
C TYR A 100 -6.32 5.99 -2.85
N GLU A 101 -7.64 5.80 -2.92
CA GLU A 101 -8.58 6.74 -3.60
C GLU A 101 -8.23 8.17 -3.20
N GLN A 102 -8.05 8.44 -1.90
CA GLN A 102 -7.93 9.82 -1.37
C GLN A 102 -6.52 10.39 -1.62
N PHE A 103 -5.47 9.57 -1.72
CA PHE A 103 -4.07 10.07 -1.77
C PHE A 103 -3.51 10.04 -3.20
N LEU A 104 -4.07 9.21 -4.08
CA LEU A 104 -3.56 9.07 -5.47
C LEU A 104 -3.44 10.45 -6.11
N PRO A 105 -4.44 11.36 -5.97
CA PRO A 105 -4.31 12.72 -6.52
C PRO A 105 -3.16 13.56 -5.94
N LYS A 106 -2.76 13.29 -4.70
CA LYS A 106 -1.70 14.05 -3.97
C LYS A 106 -0.32 13.42 -4.26
N ALA A 107 -0.33 12.24 -4.88
CA ALA A 107 0.84 11.34 -4.97
C ALA A 107 1.75 11.73 -6.14
N GLN A 108 3.07 11.72 -5.90
CA GLN A 108 4.14 12.04 -6.88
C GLN A 108 4.71 10.73 -7.47
N LYS A 109 4.54 9.63 -6.74
CA LYS A 109 5.28 8.35 -6.94
C LYS A 109 4.35 7.16 -6.71
N LEU A 110 4.42 6.17 -7.60
CA LEU A 110 3.74 4.85 -7.43
C LEU A 110 4.83 3.76 -7.37
N TYR A 111 4.77 2.91 -6.35
CA TYR A 111 5.53 1.63 -6.23
C TYR A 111 4.53 0.50 -6.44
N LEU A 112 4.48 -0.06 -7.65
CA LEU A 112 3.47 -1.08 -8.01
C LEU A 112 4.12 -2.47 -8.10
N THR A 113 3.47 -3.50 -7.55
CA THR A 113 3.76 -4.92 -7.85
C THR A 113 2.66 -5.46 -8.78
N HIS A 114 2.99 -5.72 -10.03
CA HIS A 114 2.05 -6.33 -11.02
C HIS A 114 2.14 -7.84 -10.83
N ILE A 115 1.09 -8.44 -10.31
CA ILE A 115 0.99 -9.89 -10.00
C ILE A 115 0.18 -10.58 -11.10
N ASP A 116 0.77 -11.61 -11.70
N ASP A 116 0.77 -11.55 -11.79
CA ASP A 116 0.15 -12.42 -12.78
CA ASP A 116 0.05 -12.29 -12.86
C ASP A 116 -0.85 -13.38 -12.14
C ASP A 116 -0.86 -13.34 -12.19
N ALA A 117 -1.99 -12.88 -11.68
CA ALA A 117 -3.04 -13.72 -11.04
C ALA A 117 -4.39 -13.15 -11.43
N GLU A 118 -5.29 -14.00 -11.94
CA GLU A 118 -6.71 -13.65 -12.23
C GLU A 118 -7.51 -14.18 -11.04
N VAL A 119 -7.63 -13.37 -9.99
CA VAL A 119 -8.29 -13.78 -8.71
C VAL A 119 -9.50 -12.87 -8.46
N GLU A 120 -10.54 -13.43 -7.85
CA GLU A 120 -11.75 -12.69 -7.40
C GLU A 120 -11.34 -11.67 -6.35
N GLY A 121 -11.87 -10.44 -6.46
CA GLY A 121 -11.58 -9.31 -5.57
C GLY A 121 -12.81 -8.48 -5.27
N ASP A 122 -12.90 -7.93 -4.05
CA ASP A 122 -13.92 -6.94 -3.62
C ASP A 122 -13.29 -5.55 -3.49
N THR A 123 -11.98 -5.44 -3.67
CA THR A 123 -11.28 -4.14 -3.60
C THR A 123 -10.31 -4.04 -4.77
N HIS A 124 -10.30 -2.89 -5.42
N HIS A 124 -10.28 -2.89 -5.43
CA HIS A 124 -9.49 -2.60 -6.64
CA HIS A 124 -9.45 -2.64 -6.62
C HIS A 124 -8.66 -1.35 -6.38
C HIS A 124 -8.67 -1.35 -6.41
N PHE A 125 -7.48 -1.24 -7.00
CA PHE A 125 -6.68 0.01 -7.01
C PHE A 125 -7.47 1.08 -7.77
N PRO A 126 -7.44 2.36 -7.35
CA PRO A 126 -8.25 3.37 -8.04
C PRO A 126 -7.88 3.40 -9.53
N ASP A 127 -8.83 3.74 -10.40
CA ASP A 127 -8.56 4.05 -11.83
C ASP A 127 -7.58 5.23 -11.85
N TYR A 128 -6.77 5.36 -12.90
CA TYR A 128 -5.94 6.57 -13.14
C TYR A 128 -5.54 6.62 -14.62
N GLU A 129 -5.21 7.82 -15.11
CA GLU A 129 -4.74 8.07 -16.50
C GLU A 129 -3.23 7.82 -16.56
N PRO A 130 -2.77 6.75 -17.25
CA PRO A 130 -1.33 6.47 -17.36
C PRO A 130 -0.56 7.52 -18.17
N ASP A 131 -1.23 8.24 -19.07
CA ASP A 131 -0.63 9.43 -19.73
C ASP A 131 0.06 10.28 -18.65
N ASP A 132 -0.55 10.39 -17.46
CA ASP A 132 -0.08 11.27 -16.34
C ASP A 132 1.22 10.72 -15.73
N TRP A 133 1.62 9.48 -16.04
CA TRP A 133 2.69 8.75 -15.31
C TRP A 133 3.79 8.25 -16.26
N GLU A 134 5.04 8.29 -15.80
CA GLU A 134 6.24 7.82 -16.53
C GLU A 134 6.94 6.71 -15.73
N SER A 135 7.05 5.53 -16.33
CA SER A 135 7.75 4.34 -15.78
C SER A 135 9.24 4.66 -15.63
N VAL A 136 9.80 4.45 -14.43
CA VAL A 136 11.18 4.85 -14.01
C VAL A 136 12.07 3.60 -13.87
N PHE A 137 11.49 2.51 -13.35
CA PHE A 137 12.20 1.24 -13.01
C PHE A 137 11.20 0.08 -13.09
N SER A 138 11.59 -1.05 -13.70
CA SER A 138 10.83 -2.32 -13.56
C SER A 138 11.78 -3.50 -13.38
N GLU A 139 11.27 -4.58 -12.80
CA GLU A 139 12.07 -5.78 -12.45
C GLU A 139 11.11 -6.98 -12.42
N PHE A 140 11.32 -7.95 -13.32
CA PHE A 140 10.44 -9.14 -13.45
C PHE A 140 11.00 -10.30 -12.62
N HIS A 141 10.10 -11.11 -12.05
CA HIS A 141 10.40 -12.30 -11.22
C HIS A 141 9.46 -13.44 -11.58
N ASP A 142 10.01 -14.61 -11.88
CA ASP A 142 9.25 -15.87 -12.07
C ASP A 142 8.65 -16.33 -10.75
N ALA A 143 7.55 -17.06 -10.80
CA ALA A 143 7.01 -17.81 -9.65
C ALA A 143 8.12 -18.76 -9.16
N ASP A 144 8.13 -19.10 -7.86
CA ASP A 144 9.09 -20.05 -7.25
C ASP A 144 8.35 -20.83 -6.16
N ALA A 145 9.06 -21.61 -5.32
CA ALA A 145 8.47 -22.52 -4.30
C ALA A 145 7.62 -21.74 -3.29
N GLN A 146 7.98 -20.48 -3.02
CA GLN A 146 7.36 -19.61 -1.97
C GLN A 146 6.46 -18.54 -2.61
N ASN A 147 6.41 -18.44 -3.94
CA ASN A 147 5.61 -17.40 -4.66
C ASN A 147 4.95 -18.03 -5.90
N SER A 148 3.66 -18.35 -5.79
CA SER A 148 2.91 -19.19 -6.77
C SER A 148 2.65 -18.41 -8.06
N HIS A 149 2.86 -17.10 -8.07
CA HIS A 149 2.68 -16.23 -9.26
C HIS A 149 3.99 -15.52 -9.61
N SER A 150 4.18 -15.26 -10.91
CA SER A 150 5.16 -14.30 -11.45
C SER A 150 4.70 -12.88 -11.15
N TYR A 151 5.63 -11.93 -11.05
CA TYR A 151 5.32 -10.53 -10.67
C TYR A 151 6.42 -9.63 -11.24
N CYS A 152 6.11 -8.33 -11.30
CA CYS A 152 6.98 -7.25 -11.83
C CYS A 152 6.93 -6.10 -10.81
N PHE A 153 8.07 -5.63 -10.33
CA PHE A 153 8.14 -4.42 -9.47
C PHE A 153 8.38 -3.20 -10.35
N GLU A 154 7.46 -2.23 -10.39
CA GLU A 154 7.52 -1.03 -11.26
C GLU A 154 7.49 0.21 -10.37
N ILE A 155 8.28 1.24 -10.70
CA ILE A 155 8.17 2.60 -10.08
C ILE A 155 7.77 3.57 -11.18
N LEU A 156 6.76 4.40 -10.91
CA LEU A 156 6.24 5.41 -11.88
C LEU A 156 6.33 6.80 -11.25
N GLU A 157 6.59 7.82 -12.07
CA GLU A 157 6.66 9.25 -11.62
C GLU A 157 5.64 10.06 -12.41
N ARG A 158 4.83 10.86 -11.69
CA ARG A 158 3.88 11.85 -12.23
C ARG A 158 4.65 12.70 -13.25
N ARG A 159 4.18 12.75 -14.50
CA ARG A 159 4.70 13.57 -15.62
C ARG A 159 6.23 13.39 -15.74
PA NDP B . -9.08 0.80 4.10
O1A NDP B . -8.01 -0.18 4.47
O2A NDP B . -8.75 1.90 3.14
O5B NDP B . -9.68 1.40 5.45
C5B NDP B . -10.93 2.15 5.38
C4B NDP B . -11.20 2.79 6.73
O4B NDP B . -10.20 3.81 7.00
C3B NDP B . -12.53 3.54 6.86
O3B NDP B . -13.62 2.67 7.14
C2B NDP B . -12.21 4.44 8.05
O2B NDP B . -12.12 3.73 9.29
C1B NDP B . -10.79 4.86 7.72
N9A NDP B . -10.70 6.08 6.93
C8A NDP B . -10.39 6.14 5.60
N7A NDP B . -10.33 7.35 5.14
C5A NDP B . -10.65 8.16 6.23
C6A NDP B . -10.76 9.56 6.37
N6A NDP B . -10.55 10.40 5.37
N1A NDP B . -11.08 10.04 7.59
C2A NDP B . -11.28 9.16 8.59
N3A NDP B . -11.20 7.83 8.57
C4A NDP B . -10.87 7.37 7.35
O3 NDP B . -10.35 -0.02 3.56
PN NDP B . -10.71 -0.70 2.17
O1N NDP B . -10.83 0.43 1.21
O2N NDP B . -11.83 -1.65 2.44
O5D NDP B . -9.39 -1.53 1.77
C5D NDP B . -9.07 -2.76 2.47
C4D NDP B . -8.60 -3.79 1.48
O4D NDP B . -7.35 -3.36 0.89
C3D NDP B . -8.34 -5.19 2.06
O3D NDP B . -8.92 -6.22 1.29
C2D NDP B . -6.82 -5.28 2.04
O2D NDP B . -6.42 -6.63 1.98
C1D NDP B . -6.49 -4.48 0.79
N1N NDP B . -5.07 -4.03 0.71
C2N NDP B . -4.25 -4.52 -0.29
C3N NDP B . -3.02 -4.00 -0.54
C7N NDP B . -2.32 -4.28 -1.80
O7N NDP B . -1.30 -3.66 -2.04
N7N NDP B . -2.83 -5.14 -2.67
C4N NDP B . -2.41 -3.13 0.52
C5N NDP B . -3.28 -2.85 1.67
C6N NDP B . -4.57 -3.14 1.64
P2B NDP B . -13.41 3.89 10.17
O1X NDP B . -13.08 3.38 11.55
O2X NDP B . -13.81 5.34 10.16
O3X NDP B . -14.43 3.01 9.49
C1 GOL C . -0.41 -18.89 -11.88
O1 GOL C . -1.47 -17.92 -11.89
C2 GOL C . 0.91 -18.26 -12.26
O2 GOL C . 1.42 -18.89 -13.43
C3 GOL C . 0.82 -16.78 -12.51
O3 GOL C . 2.07 -16.11 -12.34
C1 TOP D . 1.86 -4.86 0.68
N2 TOP D . 2.51 -5.02 -0.48
C3 TOP D . 2.61 -3.94 -1.29
N4 TOP D . 3.25 -4.07 -2.45
N5 TOP D . 2.10 -2.72 -1.00
C6 TOP D . 1.48 -2.58 0.20
N7 TOP D . 1.00 -1.35 0.47
C8 TOP D . 1.31 -3.66 1.10
C9 TOP D . 0.65 -3.48 2.48
C10 TOP D . 0.39 -4.72 3.30
C11 TOP D . 1.42 -5.34 4.02
C12 TOP D . 1.19 -6.52 4.73
O13 TOP D . 2.14 -7.23 5.40
C14 TOP D . 3.42 -6.62 5.60
C15 TOP D . -0.09 -7.08 4.76
O16 TOP D . -0.36 -8.21 5.50
C17 TOP D . 0.03 -9.45 4.93
C18 TOP D . -1.13 -6.43 4.09
O19 TOP D . -2.34 -7.04 4.18
C20 TOP D . -3.50 -6.29 3.87
C21 TOP D . -0.88 -5.25 3.38
CL CL E . -14.00 6.43 3.63
#